data_4LAD
#
_entry.id   4LAD
#
_cell.length_a   58.246
_cell.length_b   58.246
_cell.length_c   158.431
_cell.angle_alpha   90.000
_cell.angle_beta   90.000
_cell.angle_gamma   90.000
#
_symmetry.space_group_name_H-M   'P 41 21 2'
#
loop_
_entity.id
_entity.type
_entity.pdbx_description
1 polymer 'Ubiquitin-conjugating enzyme E2 G2'
2 polymer 'E3 ubiquitin-protein ligase AMFR'
3 non-polymer 'ZINC ION'
4 non-polymer 'OXALATE ION'
5 water water
#
loop_
_entity_poly.entity_id
_entity_poly.type
_entity_poly.pdbx_seq_one_letter_code
_entity_poly.pdbx_strand_id
1 'polypeptide(L)'
;MAGTALKRLMAEYKQLTLNPPEGIVAGPMNEENFFEWEALIMGPEDTCFEFGVFPAILSFPLDYPLSPPKMRFTCEMFHP
NIYPDGRVCISILHAPGDDPMGYESSAERWSPVQSVEKILLSVVSMLAEPNDESGANVDASKMWRDDREQFYKIAKQIVQ
KSLGL
;
A
2 'polypeptide(L)'
;HMKNYLRVVGNMEARFAVATPEELAVNNDDCAICWDSMQAARKLPCGHLFHNSCLRSWLEQDTSCPTCRMSLNIADNNRV
REEGGGGGGGSSGSSGGSGGGSGSSSGGGGGSGGGSGGGGGGGSADERQRMLVQRKDELLQQARKRFLNK
;
B
#
loop_
_chem_comp.id
_chem_comp.type
_chem_comp.name
_chem_comp.formula
OXL non-polymer 'OXALATE ION' 'C2 O4 -2'
ZN non-polymer 'ZINC ION' 'Zn 2'
#
# COMPACT_ATOMS: atom_id res chain seq x y z
N GLY A 3 3.79 -21.27 -3.41
CA GLY A 3 2.85 -20.56 -2.56
C GLY A 3 2.09 -19.47 -3.30
N THR A 4 0.82 -19.25 -2.95
CA THR A 4 0.03 -18.20 -3.59
C THR A 4 0.56 -16.81 -3.31
N ALA A 5 0.86 -16.55 -2.05
CA ALA A 5 1.34 -15.23 -1.66
C ALA A 5 2.50 -14.78 -2.54
N LEU A 6 3.53 -15.62 -2.64
CA LEU A 6 4.74 -15.27 -3.37
C LEU A 6 4.47 -15.08 -4.85
N LYS A 7 3.57 -15.89 -5.40
CA LYS A 7 3.17 -15.76 -6.80
C LYS A 7 2.48 -14.42 -7.06
N ARG A 8 1.44 -14.12 -6.26
CA ARG A 8 0.78 -12.83 -6.34
C ARG A 8 1.83 -11.74 -6.20
N LEU A 9 2.66 -11.82 -5.17
CA LEU A 9 3.55 -10.71 -4.93
C LEU A 9 4.50 -10.48 -6.11
N MET A 10 5.06 -11.55 -6.66
CA MET A 10 5.93 -11.42 -7.83
C MET A 10 5.19 -10.81 -9.03
N ALA A 11 3.94 -11.18 -9.22
CA ALA A 11 3.19 -10.67 -10.35
C ALA A 11 2.77 -9.20 -10.11
N GLU A 12 2.44 -8.86 -8.88
CA GLU A 12 2.10 -7.45 -8.55
C GLU A 12 3.31 -6.56 -8.77
N TYR A 13 4.48 -7.01 -8.33
CA TYR A 13 5.69 -6.22 -8.49
C TYR A 13 5.99 -5.99 -9.96
N LYS A 14 5.84 -7.03 -10.79
CA LYS A 14 6.11 -6.90 -12.22
C LYS A 14 5.13 -5.90 -12.85
N GLN A 15 3.85 -6.07 -12.54
CA GLN A 15 2.81 -5.19 -13.02
C GLN A 15 3.03 -3.75 -12.56
N LEU A 16 3.27 -3.62 -11.27
CA LEU A 16 3.54 -2.33 -10.63
C LEU A 16 4.59 -1.58 -11.41
N THR A 17 5.71 -2.26 -11.64
CA THR A 17 6.92 -1.68 -12.24
C THR A 17 6.68 -1.24 -13.68
N LEU A 18 5.75 -1.90 -14.36
CA LEU A 18 5.52 -1.57 -15.76
C LEU A 18 5.00 -0.15 -15.92
N ASN A 19 4.09 0.23 -15.03
CA ASN A 19 3.37 1.48 -15.17
C ASN A 19 3.15 2.15 -13.80
N PRO A 20 4.24 2.63 -13.17
CA PRO A 20 4.15 3.12 -11.79
C PRO A 20 3.40 4.44 -11.74
N PRO A 21 2.40 4.57 -10.84
CA PRO A 21 1.71 5.85 -10.68
C PRO A 21 2.70 6.96 -10.37
N GLU A 22 2.39 8.17 -10.79
CA GLU A 22 3.25 9.29 -10.44
C GLU A 22 3.49 9.42 -8.92
N GLY A 23 4.76 9.49 -8.52
CA GLY A 23 5.14 9.77 -7.16
C GLY A 23 5.17 8.58 -6.22
N ILE A 24 5.21 7.36 -6.79
CA ILE A 24 5.28 6.15 -5.99
C ILE A 24 6.30 5.20 -6.58
N VAL A 25 7.26 4.81 -5.77
CA VAL A 25 8.19 3.76 -6.12
C VAL A 25 8.01 2.66 -5.07
N ALA A 26 7.62 1.47 -5.51
CA ALA A 26 7.43 0.37 -4.56
C ALA A 26 8.00 -0.98 -5.06
N GLY A 27 8.67 -1.71 -4.17
CA GLY A 27 9.02 -3.09 -4.43
C GLY A 27 9.69 -3.76 -3.26
N PRO A 28 10.02 -5.05 -3.39
CA PRO A 28 10.74 -5.76 -2.33
C PRO A 28 12.08 -5.10 -2.08
N MET A 29 12.58 -5.15 -0.86
CA MET A 29 13.91 -4.60 -0.64
C MET A 29 15.00 -5.56 -1.13
N ASN A 30 14.61 -6.81 -1.35
CA ASN A 30 15.52 -7.84 -1.87
C ASN A 30 14.64 -8.95 -2.40
N GLU A 31 14.84 -9.33 -3.66
CA GLU A 31 13.99 -10.35 -4.28
C GLU A 31 14.09 -11.72 -3.60
N GLU A 32 15.09 -11.91 -2.78
CA GLU A 32 15.12 -13.11 -1.94
C GLU A 32 14.01 -13.12 -0.88
N ASN A 33 13.35 -12.01 -0.64
CA ASN A 33 12.24 -11.99 0.33
C ASN A 33 11.14 -11.03 -0.12
N PHE A 34 10.17 -11.57 -0.85
CA PHE A 34 9.12 -10.74 -1.42
C PHE A 34 8.09 -10.35 -0.38
N PHE A 35 8.27 -10.79 0.86
CA PHE A 35 7.32 -10.48 1.94
C PHE A 35 7.61 -9.13 2.63
N GLU A 36 8.75 -8.54 2.29
CA GLU A 36 9.17 -7.28 2.88
C GLU A 36 9.49 -6.25 1.79
N TRP A 37 8.61 -5.27 1.63
CA TRP A 37 8.77 -4.24 0.62
C TRP A 37 9.02 -2.88 1.25
N GLU A 38 9.58 -1.98 0.45
CA GLU A 38 9.59 -0.57 0.77
C GLU A 38 8.80 0.17 -0.29
N ALA A 39 8.07 1.20 0.14
CA ALA A 39 7.38 2.09 -0.77
C ALA A 39 7.78 3.51 -0.41
N LEU A 40 8.14 4.29 -1.43
CA LEU A 40 8.33 5.73 -1.28
C LEU A 40 7.13 6.39 -1.91
N ILE A 41 6.46 7.27 -1.16
CA ILE A 41 5.31 8.01 -1.67
C ILE A 41 5.59 9.49 -1.63
N MET A 42 5.32 10.19 -2.73
CA MET A 42 5.49 11.63 -2.70
C MET A 42 4.17 12.35 -2.43
N GLY A 43 4.20 13.31 -1.51
CA GLY A 43 3.03 14.15 -1.32
C GLY A 43 2.65 14.81 -2.64
N PRO A 44 1.42 14.55 -3.11
CA PRO A 44 0.92 15.18 -4.34
C PRO A 44 1.05 16.71 -4.27
N GLU A 45 1.27 17.33 -5.42
CA GLU A 45 1.31 18.79 -5.55
C GLU A 45 0.02 19.48 -5.12
N ASP A 46 0.16 20.68 -4.58
CA ASP A 46 -1.00 21.49 -4.18
C ASP A 46 -1.82 20.82 -3.10
N THR A 47 -1.26 19.79 -2.49
CA THR A 47 -1.82 19.24 -1.27
C THR A 47 -0.88 19.70 -0.16
N CYS A 48 -1.31 19.55 1.10
CA CYS A 48 -0.55 20.11 2.20
C CYS A 48 0.74 19.35 2.50
N PHE A 49 0.87 18.12 2.00
CA PHE A 49 2.11 17.38 2.17
C PHE A 49 2.92 17.37 0.88
N GLU A 50 2.60 18.34 0.04
CA GLU A 50 3.32 18.64 -1.20
C GLU A 50 4.84 18.42 -1.15
N PHE A 51 5.33 17.59 -2.06
CA PHE A 51 6.76 17.30 -2.23
C PHE A 51 7.43 16.60 -1.07
N GLY A 52 6.65 16.15 -0.10
CA GLY A 52 7.20 15.28 0.92
C GLY A 52 7.47 13.91 0.33
N VAL A 53 8.53 13.27 0.79
CA VAL A 53 8.82 11.93 0.35
C VAL A 53 8.83 11.01 1.55
N PHE A 54 7.84 10.11 1.60
CA PHE A 54 7.58 9.32 2.79
C PHE A 54 7.81 7.82 2.57
N PRO A 55 8.86 7.28 3.19
CA PRO A 55 9.14 5.85 3.07
C PRO A 55 8.30 5.06 4.05
N ALA A 56 7.73 3.98 3.56
CA ALA A 56 6.95 3.09 4.40
C ALA A 56 7.38 1.67 4.08
N ILE A 57 7.34 0.81 5.10
CA ILE A 57 7.56 -0.60 4.93
C ILE A 57 6.23 -1.34 4.90
N LEU A 58 6.07 -2.23 3.92
CA LEU A 58 4.92 -3.12 3.87
C LEU A 58 5.41 -4.50 4.23
N SER A 59 4.80 -5.09 5.26
CA SER A 59 5.13 -6.44 5.69
C SER A 59 3.95 -7.33 5.38
N PHE A 60 4.13 -8.25 4.43
CA PHE A 60 3.04 -9.07 3.93
C PHE A 60 2.90 -10.36 4.71
N PRO A 61 1.65 -10.77 5.00
CA PRO A 61 1.34 -12.01 5.71
C PRO A 61 1.58 -13.23 4.81
N LEU A 62 1.83 -14.38 5.42
CA LEU A 62 2.02 -15.62 4.70
C LEU A 62 0.80 -15.91 3.80
N ASP A 63 -0.41 -15.64 4.29
CA ASP A 63 -1.63 -15.95 3.53
C ASP A 63 -2.10 -14.85 2.56
N TYR A 64 -1.27 -13.84 2.31
CA TYR A 64 -1.64 -12.84 1.31
C TYR A 64 -2.10 -13.58 0.06
N PRO A 65 -3.10 -13.08 -0.65
CA PRO A 65 -3.89 -11.85 -0.47
C PRO A 65 -5.17 -12.05 0.36
N LEU A 66 -5.18 -13.04 1.22
CA LEU A 66 -6.34 -13.26 2.08
C LEU A 66 -6.37 -12.22 3.18
N SER A 67 -5.21 -11.76 3.59
CA SER A 67 -5.05 -10.74 4.62
C SER A 67 -4.22 -9.60 4.06
N PRO A 68 -4.42 -8.38 4.59
CA PRO A 68 -3.64 -7.20 4.20
C PRO A 68 -2.21 -7.25 4.73
N PRO A 69 -1.29 -6.56 4.05
CA PRO A 69 0.02 -6.31 4.62
C PRO A 69 -0.11 -5.28 5.76
N LYS A 70 0.81 -5.29 6.71
CA LYS A 70 0.96 -4.16 7.62
C LYS A 70 1.81 -3.12 6.90
N MET A 71 1.42 -1.87 7.02
CA MET A 71 2.16 -0.78 6.42
C MET A 71 2.59 0.22 7.49
N ARG A 72 3.89 0.50 7.56
CA ARG A 72 4.40 1.40 8.58
C ARG A 72 5.34 2.44 7.98
N PHE A 73 4.95 3.71 8.08
CA PHE A 73 5.82 4.80 7.68
C PHE A 73 7.03 4.87 8.57
N THR A 74 8.17 5.08 7.96
CA THR A 74 9.44 4.90 8.61
C THR A 74 9.94 6.26 9.10
N CYS A 75 9.54 7.32 8.42
CA CYS A 75 9.84 8.66 8.86
C CYS A 75 8.82 9.16 9.89
N GLU A 76 8.97 10.42 10.22
CA GLU A 76 8.09 11.10 11.14
C GLU A 76 6.87 11.62 10.39
N MET A 77 5.70 11.49 11.01
CA MET A 77 4.47 11.94 10.37
C MET A 77 3.56 12.55 11.41
N PHE A 78 2.71 13.47 10.97
CA PHE A 78 1.64 14.04 11.78
C PHE A 78 0.39 14.01 10.93
N HIS A 79 -0.50 13.08 11.25
CA HIS A 79 -1.61 12.78 10.37
C HIS A 79 -2.60 11.96 11.13
N PRO A 80 -3.89 12.27 10.94
CA PRO A 80 -5.00 11.65 11.68
C PRO A 80 -5.05 10.13 11.56
N ASN A 81 -4.53 9.58 10.47
CA ASN A 81 -4.67 8.15 10.21
C ASN A 81 -3.39 7.35 10.40
N ILE A 82 -2.41 7.96 11.06
CA ILE A 82 -1.12 7.32 11.29
C ILE A 82 -0.78 7.34 12.77
N TYR A 83 -0.42 6.17 13.30
CA TYR A 83 -0.01 6.00 14.68
C TYR A 83 1.35 6.58 14.97
N PRO A 84 1.68 6.74 16.27
CA PRO A 84 2.92 7.39 16.70
C PRO A 84 4.14 6.66 16.16
N ASP A 85 4.04 5.34 16.11
N ASP A 85 4.09 5.34 16.14
CA ASP A 85 5.10 4.51 15.60
CA ASP A 85 5.18 4.58 15.54
C ASP A 85 5.15 4.49 14.06
C ASP A 85 4.90 4.23 14.08
N GLY A 86 4.18 5.11 13.40
CA GLY A 86 4.11 5.08 11.94
C GLY A 86 3.13 4.14 11.24
N ARG A 87 2.54 3.23 11.99
CA ARG A 87 1.53 2.31 11.49
C ARG A 87 0.34 3.03 10.82
N VAL A 88 -0.01 2.63 9.60
CA VAL A 88 -1.10 3.27 8.88
C VAL A 88 -2.39 2.55 9.18
N CYS A 89 -3.40 3.31 9.54
CA CYS A 89 -4.69 2.75 9.90
C CYS A 89 -5.79 3.33 9.05
N ILE A 90 -6.08 2.63 7.97
CA ILE A 90 -7.20 2.95 7.13
C ILE A 90 -7.95 1.66 6.88
N SER A 91 -9.18 1.80 6.42
CA SER A 91 -10.08 0.65 6.24
C SER A 91 -9.43 -0.46 5.42
N ILE A 92 -8.88 -0.10 4.27
CA ILE A 92 -8.35 -1.08 3.32
C ILE A 92 -7.25 -1.95 3.93
N LEU A 93 -6.61 -1.45 5.00
CA LEU A 93 -5.55 -2.18 5.67
C LEU A 93 -6.00 -3.01 6.86
N HIS A 94 -7.30 -3.05 7.13
CA HIS A 94 -7.82 -3.82 8.24
C HIS A 94 -8.33 -5.18 7.78
N ALA A 95 -7.88 -6.23 8.45
CA ALA A 95 -8.28 -7.60 8.15
C ALA A 95 -9.77 -7.81 8.40
N PRO A 96 -10.34 -8.84 7.74
CA PRO A 96 -11.77 -9.17 7.88
C PRO A 96 -12.07 -9.95 9.15
N SER A 106 -18.64 -1.26 7.95
CA SER A 106 -19.29 -0.71 6.76
C SER A 106 -18.30 0.05 5.88
N ALA A 107 -17.03 -0.02 6.27
CA ALA A 107 -15.95 0.67 5.59
C ALA A 107 -15.71 0.11 4.19
N GLU A 108 -14.43 -0.01 3.83
CA GLU A 108 -14.01 -0.53 2.53
C GLU A 108 -12.91 -1.56 2.74
N ARG A 109 -13.18 -2.55 3.58
CA ARG A 109 -12.14 -3.44 4.08
C ARG A 109 -11.33 -4.20 3.02
N TRP A 110 -10.41 -5.02 3.51
CA TRP A 110 -9.54 -5.79 2.65
C TRP A 110 -10.28 -6.95 1.97
N SER A 111 -10.10 -7.08 0.66
CA SER A 111 -10.51 -8.29 -0.03
C SER A 111 -9.39 -8.74 -0.96
N PRO A 112 -9.32 -10.03 -1.25
CA PRO A 112 -8.25 -10.51 -2.12
C PRO A 112 -8.20 -9.84 -3.50
N VAL A 113 -9.19 -9.01 -3.81
CA VAL A 113 -9.23 -8.29 -5.09
C VAL A 113 -8.48 -6.95 -5.02
N GLN A 114 -8.12 -6.52 -3.82
CA GLN A 114 -7.22 -5.39 -3.64
C GLN A 114 -5.78 -5.76 -4.00
N SER A 115 -4.90 -4.79 -3.91
CA SER A 115 -3.53 -4.98 -4.35
C SER A 115 -2.63 -3.96 -3.65
N VAL A 116 -1.32 -4.17 -3.80
CA VAL A 116 -0.36 -3.21 -3.32
C VAL A 116 -0.69 -1.88 -3.99
N GLU A 117 -0.93 -1.93 -5.30
CA GLU A 117 -1.22 -0.70 -6.04
C GLU A 117 -2.41 0.03 -5.46
N LYS A 118 -3.49 -0.68 -5.20
CA LYS A 118 -4.69 0.00 -4.72
C LYS A 118 -4.51 0.51 -3.31
N ILE A 119 -3.66 -0.16 -2.54
CA ILE A 119 -3.33 0.29 -1.20
C ILE A 119 -2.65 1.64 -1.28
N LEU A 120 -1.69 1.76 -2.21
CA LEU A 120 -0.91 2.98 -2.36
C LEU A 120 -1.73 4.14 -2.93
N LEU A 121 -2.67 3.83 -3.81
CA LEU A 121 -3.57 4.86 -4.30
C LEU A 121 -4.35 5.43 -3.11
N SER A 122 -4.76 4.52 -2.24
CA SER A 122 -5.58 4.86 -1.11
C SER A 122 -4.80 5.74 -0.15
N VAL A 123 -3.51 5.42 0.00
CA VAL A 123 -2.67 6.15 0.92
C VAL A 123 -2.27 7.52 0.38
N VAL A 124 -2.03 7.62 -0.93
CA VAL A 124 -1.78 8.92 -1.51
C VAL A 124 -3.04 9.76 -1.41
N SER A 125 -4.19 9.10 -1.38
CA SER A 125 -5.44 9.82 -1.23
C SER A 125 -5.59 10.40 0.18
N MET A 126 -5.26 9.60 1.20
CA MET A 126 -5.47 10.03 2.57
C MET A 126 -4.55 11.18 2.97
N LEU A 127 -3.44 11.33 2.26
CA LEU A 127 -2.53 12.43 2.55
C LEU A 127 -3.18 13.74 2.16
N ALA A 128 -3.94 13.71 1.06
CA ALA A 128 -4.64 14.90 0.58
C ALA A 128 -5.95 15.16 1.33
N GLU A 129 -6.71 14.10 1.61
CA GLU A 129 -8.00 14.21 2.27
C GLU A 129 -8.13 13.24 3.45
N PRO A 130 -7.66 13.66 4.64
CA PRO A 130 -7.70 12.90 5.89
C PRO A 130 -9.06 12.33 6.27
N ASN A 131 -9.05 11.22 7.01
CA ASN A 131 -10.25 10.71 7.67
C ASN A 131 -10.44 11.38 9.03
N ASP A 132 -10.96 12.61 9.02
CA ASP A 132 -11.23 13.40 10.23
C ASP A 132 -11.68 12.58 11.45
N GLU A 133 -12.62 11.66 11.25
CA GLU A 133 -13.18 10.87 12.35
C GLU A 133 -12.64 9.42 12.36
N SER A 134 -11.34 9.33 12.63
CA SER A 134 -10.63 8.07 12.84
C SER A 134 -9.42 8.48 13.64
N GLY A 135 -9.03 7.67 14.62
CA GLY A 135 -8.17 8.18 15.66
C GLY A 135 -6.86 7.45 15.89
N ALA A 136 -6.13 7.18 14.82
CA ALA A 136 -4.75 6.79 15.01
C ALA A 136 -4.06 7.98 15.69
N ASN A 137 -4.46 9.20 15.29
CA ASN A 137 -3.88 10.42 15.83
C ASN A 137 -4.91 11.49 16.20
N VAL A 138 -5.34 11.46 17.45
CA VAL A 138 -6.33 12.41 17.97
C VAL A 138 -5.90 13.84 17.78
N ASP A 139 -4.69 14.13 18.24
CA ASP A 139 -4.17 15.48 18.16
C ASP A 139 -4.30 16.01 16.75
N ALA A 140 -3.94 15.17 15.78
CA ALA A 140 -3.95 15.59 14.40
C ALA A 140 -5.37 15.72 13.89
N SER A 141 -6.24 14.80 14.32
CA SER A 141 -7.65 14.91 13.93
C SER A 141 -8.25 16.24 14.40
N LYS A 142 -8.12 16.53 15.68
CA LYS A 142 -8.70 17.77 16.22
C LYS A 142 -8.22 18.95 15.39
N MET A 143 -6.89 19.09 15.31
CA MET A 143 -6.31 20.24 14.65
C MET A 143 -6.77 20.36 13.22
N TRP A 144 -6.91 19.21 12.56
CA TRP A 144 -7.29 19.19 11.14
C TRP A 144 -8.62 19.93 10.94
N ARG A 145 -9.40 20.01 12.02
CA ARG A 145 -10.70 20.66 12.01
C ARG A 145 -10.67 22.07 12.62
N ASP A 146 -10.27 22.14 13.88
CA ASP A 146 -10.25 23.39 14.62
C ASP A 146 -9.20 24.35 14.06
N ASP A 147 -7.94 23.93 14.11
CA ASP A 147 -6.84 24.77 13.66
C ASP A 147 -6.24 24.23 12.36
N ARG A 148 -7.01 24.30 11.27
CA ARG A 148 -6.52 23.82 10.00
C ARG A 148 -5.23 24.57 9.62
N GLU A 149 -5.10 25.77 10.16
CA GLU A 149 -4.03 26.67 9.78
C GLU A 149 -2.67 26.22 10.34
N GLN A 150 -2.71 25.75 11.58
CA GLN A 150 -1.52 25.20 12.24
C GLN A 150 -1.16 23.88 11.58
N PHE A 151 -2.16 23.05 11.36
CA PHE A 151 -1.92 21.76 10.73
C PHE A 151 -1.12 21.91 9.43
N TYR A 152 -1.48 22.89 8.61
CA TYR A 152 -0.74 23.17 7.39
C TYR A 152 0.72 23.51 7.72
N LYS A 153 0.94 24.21 8.83
CA LYS A 153 2.31 24.54 9.22
C LYS A 153 3.10 23.30 9.71
N ILE A 154 2.47 22.49 10.54
CA ILE A 154 3.13 21.28 11.02
C ILE A 154 3.41 20.35 9.83
N ALA A 155 2.51 20.37 8.85
CA ALA A 155 2.65 19.49 7.71
C ALA A 155 3.87 19.91 6.91
N LYS A 156 4.09 21.22 6.83
CA LYS A 156 5.20 21.78 6.06
C LYS A 156 6.54 21.38 6.67
N GLN A 157 6.60 21.31 7.99
CA GLN A 157 7.88 21.00 8.58
C GLN A 157 8.09 19.50 8.54
N ILE A 158 6.99 18.75 8.46
CA ILE A 158 7.05 17.30 8.22
C ILE A 158 7.62 16.97 6.85
N VAL A 159 7.22 17.72 5.84
CA VAL A 159 7.81 17.62 4.50
C VAL A 159 9.30 17.93 4.54
N GLN A 160 9.66 19.09 5.12
CA GLN A 160 11.07 19.48 5.23
C GLN A 160 11.90 18.33 5.77
N LYS A 161 11.41 17.70 6.84
CA LYS A 161 12.14 16.67 7.53
C LYS A 161 12.32 15.42 6.68
N SER A 162 11.26 15.00 6.00
CA SER A 162 11.31 13.83 5.13
C SER A 162 12.37 14.05 4.04
N LEU A 163 12.53 15.29 3.60
CA LEU A 163 13.51 15.66 2.60
C LEU A 163 14.92 15.82 3.19
N GLY A 164 15.07 15.74 4.50
CA GLY A 164 16.40 15.80 5.10
C GLY A 164 16.81 17.21 5.45
N LEU A 165 16.03 18.19 5.00
CA LEU A 165 16.29 19.62 5.18
C LEU A 165 15.72 20.29 6.48
N ASP B 29 -5.11 -35.03 -9.25
CA ASP B 29 -3.92 -34.30 -8.84
C ASP B 29 -3.62 -33.14 -9.79
N ASP B 30 -2.41 -33.12 -10.36
CA ASP B 30 -1.99 -32.03 -11.24
C ASP B 30 -1.91 -32.46 -12.71
N CYS B 31 -2.28 -31.55 -13.62
CA CYS B 31 -2.20 -31.80 -15.06
C CYS B 31 -0.87 -32.46 -15.40
N ALA B 32 -0.89 -33.49 -16.25
CA ALA B 32 0.32 -34.23 -16.59
C ALA B 32 1.15 -33.57 -17.69
N ILE B 33 0.50 -32.74 -18.50
CA ILE B 33 1.16 -31.90 -19.50
C ILE B 33 1.88 -30.72 -18.84
N CYS B 34 1.13 -29.72 -18.40
CA CYS B 34 1.69 -28.68 -17.55
C CYS B 34 1.57 -29.22 -16.13
N TRP B 35 2.43 -28.80 -15.23
CA TRP B 35 2.34 -29.41 -13.90
C TRP B 35 1.60 -28.51 -12.91
N ASP B 36 0.47 -27.96 -13.35
CA ASP B 36 -0.35 -27.13 -12.48
C ASP B 36 -1.54 -27.89 -11.89
N SER B 37 -2.20 -27.26 -10.93
CA SER B 37 -3.15 -27.93 -10.04
C SER B 37 -4.38 -28.54 -10.69
N MET B 38 -4.80 -28.00 -11.84
CA MET B 38 -5.97 -28.54 -12.52
C MET B 38 -7.12 -28.73 -11.51
N GLN B 39 -7.74 -27.63 -11.05
CA GLN B 39 -8.82 -27.70 -10.06
C GLN B 39 -10.08 -26.92 -10.44
N ALA B 40 -11.23 -27.43 -10.00
CA ALA B 40 -12.54 -26.91 -10.41
C ALA B 40 -12.82 -25.47 -9.95
N ALA B 41 -13.53 -24.75 -10.81
CA ALA B 41 -14.04 -23.43 -10.47
C ALA B 41 -15.41 -23.57 -9.82
N ARG B 42 -15.75 -22.62 -8.95
CA ARG B 42 -17.07 -22.56 -8.35
C ARG B 42 -17.63 -21.20 -8.72
N LYS B 43 -18.85 -21.16 -9.24
CA LYS B 43 -19.46 -19.89 -9.62
C LYS B 43 -20.49 -19.42 -8.57
N LEU B 44 -20.64 -18.10 -8.45
CA LEU B 44 -21.58 -17.52 -7.50
C LEU B 44 -22.64 -16.65 -8.19
N PRO B 45 -23.78 -16.45 -7.50
CA PRO B 45 -24.90 -15.67 -8.01
C PRO B 45 -24.47 -14.38 -8.72
N CYS B 46 -23.80 -13.50 -7.98
CA CYS B 46 -23.33 -12.21 -8.52
C CYS B 46 -22.59 -12.31 -9.86
N GLY B 47 -22.32 -13.54 -10.30
CA GLY B 47 -21.66 -13.75 -11.58
C GLY B 47 -20.23 -14.23 -11.49
N HIS B 48 -19.43 -13.54 -10.69
CA HIS B 48 -17.99 -13.81 -10.56
C HIS B 48 -17.66 -15.25 -10.12
N LEU B 49 -16.47 -15.74 -10.48
CA LEU B 49 -16.08 -17.12 -10.14
C LEU B 49 -14.59 -17.29 -9.81
N PHE B 50 -14.29 -18.35 -9.07
CA PHE B 50 -12.94 -18.55 -8.55
C PHE B 50 -12.61 -20.03 -8.38
N HIS B 51 -11.31 -20.36 -8.36
CA HIS B 51 -10.86 -21.68 -7.93
C HIS B 51 -11.55 -22.09 -6.62
N ASN B 52 -11.87 -23.37 -6.50
CA ASN B 52 -12.54 -23.86 -5.32
C ASN B 52 -11.71 -23.71 -4.05
N SER B 53 -10.40 -23.94 -4.15
CA SER B 53 -9.54 -23.85 -2.98
C SER B 53 -9.36 -22.41 -2.54
N CYS B 54 -9.19 -21.52 -3.53
CA CYS B 54 -9.04 -20.09 -3.27
C CYS B 54 -10.28 -19.51 -2.60
N LEU B 55 -11.45 -19.77 -3.16
CA LEU B 55 -12.70 -19.32 -2.58
C LEU B 55 -12.86 -19.82 -1.15
N ARG B 56 -12.56 -21.10 -0.93
CA ARG B 56 -12.75 -21.69 0.40
C ARG B 56 -11.87 -21.01 1.44
N SER B 57 -10.60 -20.81 1.07
CA SER B 57 -9.66 -20.06 1.89
C SER B 57 -10.27 -18.73 2.30
N TRP B 58 -10.90 -18.04 1.37
CA TRP B 58 -11.53 -16.77 1.69
C TRP B 58 -12.78 -16.95 2.57
N LEU B 59 -13.65 -17.90 2.22
CA LEU B 59 -14.87 -18.12 2.99
C LEU B 59 -14.51 -18.32 4.46
N GLU B 60 -13.40 -19.01 4.68
CA GLU B 60 -12.86 -19.25 6.00
C GLU B 60 -12.69 -17.96 6.79
N GLN B 61 -12.61 -16.84 6.08
CA GLN B 61 -12.23 -15.57 6.65
C GLN B 61 -13.42 -14.62 6.73
N ASP B 62 -14.37 -14.82 5.82
CA ASP B 62 -15.43 -13.86 5.57
C ASP B 62 -16.41 -14.50 4.61
N THR B 63 -17.70 -14.40 4.93
CA THR B 63 -18.72 -15.01 4.10
C THR B 63 -19.28 -14.03 3.08
N SER B 64 -18.40 -13.57 2.19
CA SER B 64 -18.78 -12.63 1.15
C SER B 64 -18.04 -12.92 -0.14
N CYS B 65 -18.54 -12.34 -1.22
CA CYS B 65 -17.89 -12.43 -2.52
C CYS B 65 -16.66 -11.53 -2.56
N PRO B 66 -15.47 -12.13 -2.70
CA PRO B 66 -14.16 -11.46 -2.71
C PRO B 66 -14.09 -10.32 -3.72
N THR B 67 -14.90 -10.38 -4.77
CA THR B 67 -14.87 -9.35 -5.80
C THR B 67 -15.87 -8.23 -5.52
N CYS B 68 -17.06 -8.59 -5.03
CA CYS B 68 -18.09 -7.59 -4.73
C CYS B 68 -18.41 -7.45 -3.23
N ARG B 69 -19.51 -8.06 -2.77
CA ARG B 69 -19.88 -7.90 -1.35
C ARG B 69 -20.55 -9.12 -0.71
N MET B 70 -21.33 -9.87 -1.51
CA MET B 70 -21.98 -11.09 -1.03
C MET B 70 -22.78 -11.72 -2.16
N GLY B 123 16.56 -11.87 -17.93
CA GLY B 123 16.29 -10.90 -16.88
C GLY B 123 16.98 -11.23 -15.56
N SER B 124 17.92 -10.36 -15.14
CA SER B 124 18.60 -10.55 -13.86
C SER B 124 17.89 -9.78 -12.75
N ALA B 125 17.93 -10.36 -11.55
CA ALA B 125 17.35 -9.76 -10.38
C ALA B 125 18.17 -8.55 -9.97
N ASP B 126 19.49 -8.65 -10.13
CA ASP B 126 20.37 -7.57 -9.71
C ASP B 126 20.13 -6.30 -10.50
N GLU B 127 19.88 -6.46 -11.80
CA GLU B 127 19.51 -5.30 -12.60
C GLU B 127 18.17 -4.69 -12.14
N ARG B 128 17.22 -5.52 -11.74
CA ARG B 128 15.95 -4.99 -11.24
C ARG B 128 16.11 -4.22 -9.93
N GLN B 129 16.84 -4.77 -8.97
CA GLN B 129 17.11 -4.12 -7.72
C GLN B 129 17.77 -2.77 -7.95
N ARG B 130 18.73 -2.72 -8.86
CA ARG B 130 19.42 -1.46 -9.10
C ARG B 130 18.50 -0.41 -9.74
N MET B 131 17.73 -0.80 -10.75
CA MET B 131 16.72 0.12 -11.27
C MET B 131 15.81 0.67 -10.15
N LEU B 132 15.34 -0.20 -9.25
CA LEU B 132 14.40 0.20 -8.19
C LEU B 132 15.05 1.19 -7.22
N VAL B 133 16.29 0.89 -6.84
CA VAL B 133 17.04 1.75 -5.96
C VAL B 133 17.31 3.10 -6.60
N GLN B 134 17.64 3.08 -7.89
CA GLN B 134 17.87 4.34 -8.59
C GLN B 134 16.59 5.20 -8.75
N ARG B 135 15.43 4.58 -8.95
CA ARG B 135 14.19 5.36 -9.03
C ARG B 135 13.77 5.97 -7.69
N LYS B 136 14.23 5.36 -6.61
CA LYS B 136 13.89 5.82 -5.28
C LYS B 136 14.64 7.10 -4.96
N ASP B 137 15.93 7.13 -5.25
CA ASP B 137 16.62 8.37 -4.94
C ASP B 137 16.51 9.42 -6.04
N GLU B 138 15.96 9.06 -7.19
CA GLU B 138 15.57 10.08 -8.16
C GLU B 138 14.24 10.72 -7.75
N LEU B 139 13.36 9.93 -7.13
CA LEU B 139 12.13 10.53 -6.61
C LEU B 139 12.51 11.58 -5.57
N LEU B 140 13.37 11.20 -4.64
CA LEU B 140 13.82 12.09 -3.58
C LEU B 140 14.48 13.34 -4.16
N GLN B 141 15.48 13.17 -5.02
CA GLN B 141 16.16 14.30 -5.64
C GLN B 141 15.22 15.24 -6.34
N GLN B 142 14.25 14.68 -7.04
CA GLN B 142 13.31 15.50 -7.77
C GLN B 142 12.34 16.21 -6.83
N ALA B 143 12.00 15.55 -5.73
CA ALA B 143 11.16 16.16 -4.73
C ALA B 143 11.84 17.41 -4.16
N ARG B 144 13.13 17.27 -3.84
CA ARG B 144 13.87 18.44 -3.33
C ARG B 144 13.79 19.62 -4.28
N LYS B 145 13.92 19.36 -5.57
CA LYS B 145 13.85 20.43 -6.55
C LYS B 145 12.49 21.12 -6.58
N ARG B 146 11.41 20.34 -6.49
CA ARG B 146 10.09 20.93 -6.61
C ARG B 146 9.81 21.74 -5.37
N PHE B 147 10.30 21.26 -4.24
CA PHE B 147 10.10 21.93 -2.97
C PHE B 147 10.82 23.26 -2.93
N LEU B 148 12.05 23.28 -3.46
CA LEU B 148 12.84 24.50 -3.46
C LEU B 148 12.44 25.50 -4.56
N ASN B 149 11.22 25.36 -5.10
CA ASN B 149 10.65 26.37 -6.01
C ASN B 149 9.28 26.93 -5.58
ZN ZN C . -7.47 -18.84 -7.64
ZN ZN D . -19.36 -11.05 -7.08
C1 OXL E . 3.03 -34.75 -12.10
C2 OXL E . 3.76 -34.03 -10.99
O1 OXL E . 3.58 -35.74 -12.67
O2 OXL E . 4.86 -34.53 -10.54
O3 OXL E . 1.88 -34.35 -12.50
O4 OXL E . 3.26 -32.96 -10.45
C1 OXL F . -15.61 -32.01 -10.37
C2 OXL F . -14.82 -32.50 -9.19
O1 OXL F . -15.47 -32.55 -11.52
O2 OXL F . -13.92 -33.41 -9.30
O3 OXL F . -16.45 -31.06 -10.20
O4 OXL F . -15.03 -31.96 -8.04
#